data_4A0Z
#
_entry.id   4A0Z
#
_cell.length_a   53.380
_cell.length_b   68.500
_cell.length_c   61.160
_cell.angle_alpha   90.00
_cell.angle_beta   111.31
_cell.angle_gamma   90.00
#
_symmetry.space_group_name_H-M   'P 1 21 1'
#
loop_
_entity.id
_entity.type
_entity.pdbx_description
1 polymer 'TRANSCRIPTION FACTOR FAPR'
2 non-polymer 'MALONYL-COENZYME A'
3 water water
#
_entity_poly.entity_id   1
_entity_poly.type   'polypeptide(L)'
_entity_poly.pdbx_seq_one_letter_code
;MRGETLKLKKDKRREAIRQQIDSNPFITDHELSDLFQVSIQTIRLDRTYLNIPELRKRIKLVAEKNYDQISSIEEQEFIG
DLIQVNPNVKAQSILDITSDSVFHKTGIARGHVLFAQANSLCVALIKQPTVLTHESSIQFIEKVKLNDTVRAEARVVNQT
AKHYYVEVKSYVKHTLVFKGNFKMFYDKRG
;
_entity_poly.pdbx_strand_id   A,B
#
# COMPACT_ATOMS: atom_id res chain seq x y z
N LYS A 7 18.17 -40.79 -16.53
CA LYS A 7 16.69 -40.94 -16.56
C LYS A 7 16.14 -41.18 -15.16
N LEU A 8 16.79 -42.07 -14.40
CA LEU A 8 16.36 -42.40 -13.04
C LEU A 8 16.59 -41.26 -12.05
N LYS A 9 17.71 -40.56 -12.18
CA LYS A 9 18.01 -39.37 -11.36
C LYS A 9 17.00 -38.26 -11.69
N LYS A 10 16.73 -38.06 -12.98
CA LYS A 10 15.72 -37.11 -13.46
C LYS A 10 14.35 -37.32 -12.82
N ASP A 11 13.88 -38.57 -12.82
CA ASP A 11 12.54 -38.89 -12.30
C ASP A 11 12.41 -38.56 -10.81
N LYS A 12 13.44 -38.92 -10.04
CA LYS A 12 13.50 -38.60 -8.60
C LYS A 12 13.56 -37.08 -8.39
N ARG A 13 14.33 -36.37 -9.23
CA ARG A 13 14.37 -34.90 -9.15
C ARG A 13 13.01 -34.31 -9.47
N ARG A 14 12.35 -34.86 -10.50
CA ARG A 14 11.03 -34.40 -10.93
C ARG A 14 9.96 -34.61 -9.85
N GLU A 15 9.98 -35.79 -9.21
CA GLU A 15 9.17 -36.02 -8.02
C GLU A 15 9.46 -34.97 -6.93
N ALA A 16 10.73 -34.71 -6.67
CA ALA A 16 11.11 -33.71 -5.65
C ALA A 16 10.65 -32.28 -6.00
N ILE A 17 10.68 -31.95 -7.29
CA ILE A 17 10.17 -30.65 -7.75
C ILE A 17 8.67 -30.55 -7.58
N ARG A 18 7.91 -31.60 -7.94
CA ARG A 18 6.48 -31.57 -7.69
C ARG A 18 6.19 -31.26 -6.22
N GLN A 19 6.94 -31.88 -5.33
CA GLN A 19 6.81 -31.64 -3.90
C GLN A 19 7.15 -30.20 -3.51
N GLN A 20 8.22 -29.64 -4.08
CA GLN A 20 8.58 -28.24 -3.82
C GLN A 20 7.42 -27.30 -4.16
N ILE A 21 6.86 -27.48 -5.35
CA ILE A 21 5.76 -26.65 -5.85
C ILE A 21 4.48 -26.83 -5.03
N ASP A 22 4.24 -28.05 -4.57
CA ASP A 22 3.09 -28.33 -3.72
C ASP A 22 3.20 -27.58 -2.40
N SER A 23 4.41 -27.57 -1.83
CA SER A 23 4.64 -26.93 -0.53
C SER A 23 4.75 -25.41 -0.66
N ASN A 24 5.42 -24.97 -1.72
CA ASN A 24 5.79 -23.58 -1.92
C ASN A 24 5.43 -23.22 -3.37
N PRO A 25 4.13 -22.92 -3.64
CA PRO A 25 3.69 -22.73 -5.03
C PRO A 25 4.39 -21.63 -5.79
N PHE A 26 5.01 -20.70 -5.07
CA PHE A 26 5.59 -19.54 -5.72
C PHE A 26 7.13 -19.54 -5.69
N ILE A 27 7.71 -20.72 -5.58
CA ILE A 27 9.17 -20.87 -5.64
C ILE A 27 9.72 -20.56 -7.06
N THR A 28 10.90 -19.93 -7.13
CA THR A 28 11.53 -19.56 -8.41
C THR A 28 12.36 -20.68 -9.00
N ASP A 29 12.62 -20.59 -10.31
CA ASP A 29 13.52 -21.55 -10.97
C ASP A 29 14.94 -21.47 -10.43
N HIS A 30 15.36 -20.28 -10.02
CA HIS A 30 16.71 -20.07 -9.47
C HIS A 30 16.87 -20.87 -8.17
N GLU A 31 15.95 -20.66 -7.23
CA GLU A 31 15.86 -21.42 -6.00
C GLU A 31 15.88 -22.93 -6.26
N LEU A 32 15.05 -23.38 -7.20
CA LEU A 32 15.03 -24.79 -7.59
C LEU A 32 16.36 -25.24 -8.18
N SER A 33 16.96 -24.37 -9.00
CA SER A 33 18.27 -24.68 -9.59
C SER A 33 19.34 -24.88 -8.51
N ASP A 34 19.35 -24.02 -7.49
CA ASP A 34 20.24 -24.16 -6.34
C ASP A 34 20.00 -25.44 -5.58
N LEU A 35 18.75 -25.68 -5.19
CA LEU A 35 18.37 -26.84 -4.37
C LEU A 35 18.80 -28.17 -4.97
N PHE A 36 18.59 -28.35 -6.27
CA PHE A 36 18.86 -29.63 -6.93
C PHE A 36 20.18 -29.71 -7.69
N GLN A 37 20.94 -28.62 -7.67
CA GLN A 37 22.25 -28.55 -8.35
C GLN A 37 22.21 -28.93 -9.83
N VAL A 38 21.23 -28.38 -10.52
CA VAL A 38 21.11 -28.51 -11.97
C VAL A 38 20.93 -27.09 -12.54
N SER A 39 21.18 -26.91 -13.84
CA SER A 39 20.99 -25.62 -14.49
C SER A 39 19.53 -25.17 -14.45
N ILE A 40 19.31 -23.86 -14.55
CA ILE A 40 17.96 -23.31 -14.71
C ILE A 40 17.29 -23.94 -15.95
N GLN A 41 18.10 -24.27 -16.97
CA GLN A 41 17.61 -24.91 -18.19
C GLN A 41 16.99 -26.27 -17.91
N THR A 42 17.68 -27.08 -17.11
CA THR A 42 17.16 -28.35 -16.66
C THR A 42 15.85 -28.20 -15.87
N ILE A 43 15.76 -27.18 -15.02
CA ILE A 43 14.56 -26.95 -14.18
C ILE A 43 13.35 -26.58 -15.04
N ARG A 44 13.57 -25.70 -16.03
CA ARG A 44 12.53 -25.39 -17.00
C ARG A 44 12.03 -26.67 -17.68
N LEU A 45 12.96 -27.50 -18.15
CA LEU A 45 12.62 -28.76 -18.83
C LEU A 45 11.87 -29.71 -17.87
N ASP A 46 12.35 -29.78 -16.63
CA ASP A 46 11.65 -30.52 -15.57
C ASP A 46 10.19 -30.06 -15.41
N ARG A 47 10.01 -28.75 -15.25
CA ARG A 47 8.66 -28.18 -15.13
C ARG A 47 7.83 -28.52 -16.36
N THR A 48 8.46 -28.44 -17.54
CA THR A 48 7.74 -28.70 -18.80
C THR A 48 7.18 -30.13 -18.85
N TYR A 49 8.02 -31.12 -18.50
CA TYR A 49 7.54 -32.49 -18.34
C TYR A 49 6.40 -32.60 -17.30
N LEU A 50 6.53 -31.88 -16.19
CA LEU A 50 5.53 -31.93 -15.11
C LEU A 50 4.28 -31.08 -15.39
N ASN A 51 4.28 -30.38 -16.52
CA ASN A 51 3.25 -29.40 -16.86
C ASN A 51 3.01 -28.34 -15.78
N ILE A 52 4.11 -27.87 -15.17
CA ILE A 52 4.06 -26.78 -14.18
C ILE A 52 4.45 -25.47 -14.87
N PRO A 53 3.53 -24.48 -14.93
CA PRO A 53 3.90 -23.26 -15.68
C PRO A 53 5.02 -22.45 -15.00
N GLU A 54 5.61 -21.53 -15.77
CA GLU A 54 6.60 -20.61 -15.24
C GLU A 54 5.94 -19.77 -14.15
N LEU A 55 6.76 -19.20 -13.27
CA LEU A 55 6.25 -18.59 -12.02
C LEU A 55 5.21 -17.48 -12.25
N ARG A 56 5.47 -16.60 -13.23
CA ARG A 56 4.55 -15.48 -13.48
C ARG A 56 3.19 -15.96 -14.00
N LYS A 57 3.23 -17.05 -14.78
CA LYS A 57 1.99 -17.65 -15.26
C LYS A 57 1.22 -18.31 -14.13
N ARG A 58 1.91 -19.00 -13.24
CA ARG A 58 1.27 -19.63 -12.08
C ARG A 58 0.54 -18.56 -11.24
N ILE A 59 1.18 -17.41 -11.06
CA ILE A 59 0.61 -16.25 -10.35
C ILE A 59 -0.66 -15.72 -11.03
N LYS A 60 -0.59 -15.42 -12.33
CA LYS A 60 -1.77 -15.01 -13.12
C LYS A 60 -2.93 -16.01 -13.02
N LEU A 61 -2.63 -17.31 -13.17
CA LEU A 61 -3.68 -18.35 -13.14
C LEU A 61 -4.38 -18.44 -11.77
N VAL A 62 -3.60 -18.45 -10.70
CA VAL A 62 -4.17 -18.60 -9.36
C VAL A 62 -4.96 -17.33 -8.93
N ALA A 63 -4.48 -16.16 -9.33
CA ALA A 63 -5.15 -14.89 -9.00
C ALA A 63 -6.52 -14.81 -9.70
N GLU A 64 -6.56 -15.16 -10.99
CA GLU A 64 -7.80 -15.29 -11.73
C GLU A 64 -8.83 -16.13 -10.96
N LYS A 65 -8.38 -17.26 -10.40
CA LYS A 65 -9.25 -18.15 -9.60
C LYS A 65 -9.66 -17.47 -8.29
N ASN A 66 -8.71 -16.77 -7.68
CA ASN A 66 -8.96 -16.04 -6.44
C ASN A 66 -9.98 -14.91 -6.57
N TYR A 67 -9.83 -14.06 -7.60
CA TYR A 67 -10.80 -12.98 -7.83
C TYR A 67 -12.24 -13.54 -7.93
N ASP A 68 -12.37 -14.77 -8.42
CA ASP A 68 -13.68 -15.47 -8.47
C ASP A 68 -14.27 -15.79 -7.09
N GLN A 69 -13.43 -15.88 -6.08
CA GLN A 69 -13.85 -16.26 -4.73
C GLN A 69 -14.24 -15.07 -3.85
N ILE A 70 -13.80 -13.86 -4.23
CA ILE A 70 -14.08 -12.67 -3.43
C ILE A 70 -15.31 -11.89 -3.94
N SER A 71 -15.94 -11.14 -3.05
CA SER A 71 -17.19 -10.46 -3.32
C SER A 71 -17.14 -8.97 -2.95
N SER A 72 -16.05 -8.53 -2.33
CA SER A 72 -16.02 -7.20 -1.70
C SER A 72 -15.30 -6.15 -2.55
N ILE A 73 -14.58 -6.60 -3.57
CA ILE A 73 -13.75 -5.72 -4.38
C ILE A 73 -13.44 -6.41 -5.72
N GLU A 74 -13.38 -5.61 -6.78
CA GLU A 74 -13.13 -6.14 -8.12
C GLU A 74 -11.65 -6.13 -8.47
N GLU A 75 -11.21 -7.12 -9.25
CA GLU A 75 -9.83 -7.22 -9.72
C GLU A 75 -9.24 -5.89 -10.18
N GLN A 76 -10.00 -5.13 -10.98
CA GLN A 76 -9.54 -3.85 -11.55
C GLN A 76 -9.21 -2.80 -10.50
N GLU A 77 -9.78 -2.96 -9.32
CA GLU A 77 -9.52 -2.02 -8.22
C GLU A 77 -8.59 -2.61 -7.14
N PHE A 78 -8.19 -3.86 -7.32
CA PHE A 78 -7.29 -4.53 -6.34
C PHE A 78 -5.81 -4.17 -6.58
N ILE A 79 -5.05 -3.93 -5.50
CA ILE A 79 -3.64 -3.51 -5.63
C ILE A 79 -2.78 -4.73 -5.39
N GLY A 80 -2.06 -5.13 -6.44
CA GLY A 80 -1.20 -6.32 -6.39
C GLY A 80 -1.90 -7.53 -6.98
N ASP A 81 -1.28 -8.69 -6.86
CA ASP A 81 -1.84 -9.94 -7.35
C ASP A 81 -2.24 -10.77 -6.15
N LEU A 82 -3.52 -11.11 -6.08
CA LEU A 82 -4.05 -11.90 -4.97
C LEU A 82 -3.67 -13.37 -5.16
N ILE A 83 -2.65 -13.82 -4.44
CA ILE A 83 -2.11 -15.16 -4.67
C ILE A 83 -2.70 -16.25 -3.79
N GLN A 84 -3.35 -15.87 -2.69
CA GLN A 84 -4.00 -16.84 -1.79
C GLN A 84 -5.16 -16.17 -1.09
N VAL A 85 -6.31 -16.83 -1.04
CA VAL A 85 -7.44 -16.29 -0.25
C VAL A 85 -8.25 -17.43 0.39
N ASN A 86 -8.43 -17.36 1.71
CA ASN A 86 -9.40 -18.21 2.43
C ASN A 86 -10.33 -17.18 3.08
N PRO A 87 -11.53 -16.96 2.49
CA PRO A 87 -12.31 -15.79 2.87
C PRO A 87 -12.62 -15.77 4.37
N ASN A 88 -12.58 -14.59 4.97
CA ASN A 88 -12.81 -14.41 6.41
C ASN A 88 -11.71 -14.98 7.32
N VAL A 89 -10.64 -15.51 6.72
CA VAL A 89 -9.57 -16.17 7.53
C VAL A 89 -8.19 -15.55 7.22
N LYS A 90 -7.70 -15.77 6.00
CA LYS A 90 -6.34 -15.40 5.62
C LYS A 90 -6.25 -15.14 4.11
N ALA A 91 -5.45 -14.14 3.72
CA ALA A 91 -5.17 -13.89 2.31
C ALA A 91 -3.74 -13.36 2.15
N GLN A 92 -3.19 -13.52 0.94
CA GLN A 92 -1.90 -12.93 0.59
C GLN A 92 -1.91 -12.32 -0.81
N SER A 93 -1.09 -11.29 -0.97
CA SER A 93 -0.88 -10.66 -2.26
C SER A 93 0.61 -10.39 -2.46
N ILE A 94 1.00 -10.23 -3.72
CA ILE A 94 2.34 -9.77 -4.01
C ILE A 94 2.27 -8.51 -4.87
N LEU A 95 3.26 -7.64 -4.69
CA LEU A 95 3.29 -6.41 -5.42
C LEU A 95 4.73 -6.12 -5.78
N ASP A 96 4.97 -6.01 -7.10
CA ASP A 96 6.27 -5.60 -7.59
C ASP A 96 6.35 -4.09 -7.47
N ILE A 97 7.48 -3.62 -6.97
CA ILE A 97 7.71 -2.20 -6.78
C ILE A 97 8.48 -1.67 -8.00
N THR A 98 7.78 -0.91 -8.83
CA THR A 98 8.38 -0.32 -10.03
C THR A 98 8.70 1.14 -9.76
N SER A 99 9.25 1.82 -10.76
CA SER A 99 9.60 3.23 -10.64
C SER A 99 8.37 4.11 -10.34
N ASP A 100 7.18 3.65 -10.71
CA ASP A 100 5.94 4.35 -10.43
C ASP A 100 5.61 4.37 -8.92
N SER A 101 6.23 3.46 -8.17
CA SER A 101 5.93 3.29 -6.74
C SER A 101 6.96 3.88 -5.77
N VAL A 102 7.99 4.54 -6.29
CA VAL A 102 9.10 5.00 -5.46
C VAL A 102 9.41 6.49 -5.58
N PHE A 103 10.09 7.02 -4.56
CA PHE A 103 10.82 8.27 -4.69
C PHE A 103 11.96 8.04 -5.68
N HIS A 104 11.93 8.77 -6.79
CA HIS A 104 12.87 8.55 -7.87
C HIS A 104 14.35 8.74 -7.46
N LYS A 105 14.61 9.67 -6.55
CA LYS A 105 16.00 9.96 -6.17
C LYS A 105 16.62 8.90 -5.23
N THR A 106 15.79 8.23 -4.43
CA THR A 106 16.29 7.31 -3.40
C THR A 106 15.94 5.84 -3.72
N GLY A 107 14.97 5.63 -4.58
CA GLY A 107 14.45 4.29 -4.87
C GLY A 107 13.60 3.71 -3.76
N ILE A 108 13.24 4.54 -2.77
CA ILE A 108 12.39 4.10 -1.66
C ILE A 108 10.89 4.11 -2.02
N ALA A 109 10.20 3.01 -1.76
CA ALA A 109 8.77 2.91 -2.04
C ALA A 109 7.94 3.86 -1.15
N ARG A 110 6.96 4.52 -1.79
CA ARG A 110 6.05 5.42 -1.12
C ARG A 110 5.25 4.66 -0.07
N GLY A 111 5.02 5.31 1.09
CA GLY A 111 4.24 4.67 2.14
C GLY A 111 2.83 4.32 1.70
N HIS A 112 2.20 5.16 0.86
CA HIS A 112 0.84 4.83 0.45
C HIS A 112 0.77 3.61 -0.42
N VAL A 113 1.89 3.23 -1.05
CA VAL A 113 1.89 2.03 -1.90
C VAL A 113 1.75 0.77 -1.03
N LEU A 114 2.60 0.68 -0.01
CA LEU A 114 2.55 -0.45 0.94
C LEU A 114 1.22 -0.46 1.66
N PHE A 115 0.71 0.72 2.02
CA PHE A 115 -0.60 0.80 2.64
C PHE A 115 -1.72 0.33 1.70
N ALA A 116 -1.68 0.80 0.43
CA ALA A 116 -2.67 0.35 -0.56
C ALA A 116 -2.70 -1.14 -0.72
N GLN A 117 -1.53 -1.77 -0.80
CA GLN A 117 -1.52 -3.20 -0.93
C GLN A 117 -2.23 -3.85 0.30
N ALA A 118 -1.80 -3.45 1.48
CA ALA A 118 -2.35 -4.01 2.75
C ALA A 118 -3.83 -3.73 2.90
N ASN A 119 -4.23 -2.50 2.60
CA ASN A 119 -5.63 -2.11 2.73
C ASN A 119 -6.52 -2.91 1.76
N SER A 120 -6.11 -2.97 0.47
CA SER A 120 -6.85 -3.77 -0.53
C SER A 120 -6.99 -5.21 -0.15
N LEU A 121 -5.91 -5.78 0.41
CA LEU A 121 -5.94 -7.16 0.83
C LEU A 121 -6.96 -7.40 1.96
N CYS A 122 -6.99 -6.50 2.94
CA CYS A 122 -7.97 -6.64 4.03
C CYS A 122 -9.37 -6.58 3.47
N VAL A 123 -9.60 -5.73 2.47
CA VAL A 123 -10.93 -5.64 1.85
C VAL A 123 -11.25 -6.98 1.17
N ALA A 124 -10.35 -7.43 0.28
CA ALA A 124 -10.62 -8.68 -0.47
C ALA A 124 -10.84 -9.89 0.45
N LEU A 125 -10.14 -9.90 1.57
CA LEU A 125 -10.26 -11.01 2.52
C LEU A 125 -11.68 -11.21 3.08
N ILE A 126 -12.40 -10.11 3.23
CA ILE A 126 -13.71 -10.14 3.90
C ILE A 126 -14.82 -10.38 2.90
N LYS A 127 -15.57 -11.44 3.14
CA LYS A 127 -16.60 -11.89 2.25
C LYS A 127 -17.93 -11.23 2.66
N GLN A 128 -18.03 -9.95 2.32
CA GLN A 128 -19.22 -9.18 2.58
C GLN A 128 -19.35 -8.18 1.43
N PRO A 129 -20.58 -7.80 1.06
CA PRO A 129 -20.73 -6.89 -0.08
C PRO A 129 -20.21 -5.49 0.19
N THR A 130 -20.32 -5.03 1.45
CA THR A 130 -19.80 -3.70 1.86
C THR A 130 -18.71 -3.87 2.88
N VAL A 131 -17.52 -3.38 2.56
CA VAL A 131 -16.36 -3.42 3.45
C VAL A 131 -15.67 -2.08 3.33
N LEU A 132 -15.53 -1.36 4.44
CA LEU A 132 -14.84 -0.08 4.42
C LEU A 132 -13.82 0.01 5.56
N THR A 133 -12.61 0.46 5.26
CA THR A 133 -11.62 0.62 6.33
C THR A 133 -12.12 1.69 7.30
N HIS A 134 -12.19 1.34 8.58
CA HIS A 134 -12.55 2.31 9.60
C HIS A 134 -11.34 2.93 10.30
N GLU A 135 -10.39 2.10 10.73
CA GLU A 135 -9.19 2.61 11.41
C GLU A 135 -8.04 1.73 11.01
N SER A 136 -6.81 2.28 11.04
CA SER A 136 -5.62 1.48 10.78
C SER A 136 -4.44 2.04 11.55
N SER A 137 -3.58 1.13 12.01
CA SER A 137 -2.39 1.53 12.72
C SER A 137 -1.26 0.80 12.02
N ILE A 138 -0.29 1.54 11.49
CA ILE A 138 0.73 0.88 10.67
C ILE A 138 2.13 1.25 11.09
N GLN A 139 3.07 0.37 10.76
CA GLN A 139 4.49 0.59 11.03
C GLN A 139 5.29 0.22 9.78
N PHE A 140 6.15 1.16 9.39
CA PHE A 140 7.09 0.98 8.31
C PHE A 140 8.43 0.59 8.93
N ILE A 141 8.69 -0.70 8.96
CA ILE A 141 9.79 -1.24 9.75
C ILE A 141 11.14 -1.15 9.02
N GLU A 142 11.15 -1.49 7.73
CA GLU A 142 12.33 -1.40 6.87
C GLU A 142 11.93 -0.75 5.55
N LYS A 143 12.88 -0.06 4.93
CA LYS A 143 12.67 0.54 3.62
C LYS A 143 12.41 -0.54 2.59
N VAL A 144 11.36 -0.35 1.79
CA VAL A 144 11.14 -1.16 0.61
C VAL A 144 11.75 -0.42 -0.56
N LYS A 145 12.39 -1.16 -1.46
CA LYS A 145 13.16 -0.56 -2.52
C LYS A 145 12.67 -0.88 -3.93
N LEU A 146 13.00 0.00 -4.87
CA LEU A 146 12.84 -0.26 -6.29
C LEU A 146 13.27 -1.68 -6.65
N ASN A 147 12.37 -2.41 -7.32
CA ASN A 147 12.58 -3.79 -7.78
C ASN A 147 12.31 -4.88 -6.72
N ASP A 148 12.03 -4.49 -5.48
CA ASP A 148 11.55 -5.44 -4.47
C ASP A 148 10.20 -6.00 -4.84
N THR A 149 9.95 -7.25 -4.45
CA THR A 149 8.60 -7.78 -4.45
C THR A 149 8.12 -7.88 -2.99
N VAL A 150 7.00 -7.24 -2.70
CA VAL A 150 6.38 -7.24 -1.36
C VAL A 150 5.27 -8.28 -1.26
N ARG A 151 5.44 -9.24 -0.36
CA ARG A 151 4.40 -10.19 -0.07
C ARG A 151 3.62 -9.79 1.21
N ALA A 152 2.34 -9.44 1.06
CA ALA A 152 1.52 -9.02 2.20
C ALA A 152 0.68 -10.22 2.64
N GLU A 153 0.66 -10.50 3.95
CA GLU A 153 -0.21 -11.57 4.51
C GLU A 153 -1.21 -10.93 5.48
N ALA A 154 -2.49 -11.17 5.26
CA ALA A 154 -3.53 -10.62 6.12
C ALA A 154 -4.25 -11.75 6.83
N ARG A 155 -4.46 -11.57 8.13
CA ARG A 155 -5.22 -12.58 8.88
C ARG A 155 -6.27 -11.98 9.81
N VAL A 156 -7.47 -12.56 9.79
CA VAL A 156 -8.56 -12.07 10.61
C VAL A 156 -8.26 -12.51 12.04
N VAL A 157 -8.21 -11.55 12.97
CA VAL A 157 -7.97 -11.88 14.38
C VAL A 157 -9.20 -11.71 15.28
N ASN A 158 -10.22 -11.02 14.79
CA ASN A 158 -11.44 -10.82 15.58
C ASN A 158 -12.55 -10.41 14.65
N GLN A 159 -13.78 -10.80 14.98
CA GLN A 159 -14.94 -10.35 14.24
C GLN A 159 -16.10 -10.05 15.19
N THR A 160 -16.68 -8.86 15.02
CA THR A 160 -17.87 -8.40 15.74
C THR A 160 -19.02 -8.25 14.73
N ALA A 161 -20.20 -7.85 15.20
CA ALA A 161 -21.34 -7.58 14.33
C ALA A 161 -21.10 -6.52 13.23
N LYS A 162 -20.13 -5.62 13.45
CA LYS A 162 -19.92 -4.44 12.60
C LYS A 162 -18.49 -4.32 12.01
N HIS A 163 -17.53 -5.02 12.59
CA HIS A 163 -16.11 -4.88 12.20
C HIS A 163 -15.42 -6.22 12.13
N TYR A 164 -14.44 -6.33 11.22
CA TYR A 164 -13.41 -7.37 11.28
C TYR A 164 -12.16 -6.67 11.71
N TYR A 165 -11.37 -7.30 12.58
CA TYR A 165 -10.03 -6.83 12.94
C TYR A 165 -9.04 -7.74 12.24
N VAL A 166 -8.16 -7.13 11.48
CA VAL A 166 -7.24 -7.86 10.62
C VAL A 166 -5.82 -7.41 10.91
N GLU A 167 -4.89 -8.37 11.00
CA GLU A 167 -3.48 -8.02 11.11
C GLU A 167 -2.78 -8.33 9.77
N VAL A 168 -1.97 -7.38 9.31
CA VAL A 168 -1.21 -7.55 8.10
C VAL A 168 0.28 -7.48 8.42
N LYS A 169 1.04 -8.40 7.85
CA LYS A 169 2.50 -8.33 7.85
C LYS A 169 2.99 -8.46 6.41
N SER A 170 3.89 -7.57 6.00
CA SER A 170 4.39 -7.58 4.63
C SER A 170 5.88 -7.80 4.63
N TYR A 171 6.36 -8.58 3.67
CA TYR A 171 7.72 -9.05 3.63
C TYR A 171 8.37 -8.81 2.26
N VAL A 172 9.69 -8.56 2.27
CA VAL A 172 10.49 -8.63 1.07
C VAL A 172 11.43 -9.80 1.36
N LYS A 173 11.34 -10.87 0.55
CA LYS A 173 12.04 -12.14 0.84
C LYS A 173 11.67 -12.58 2.26
N HIS A 174 12.66 -12.81 3.12
CA HIS A 174 12.37 -13.18 4.52
C HIS A 174 12.26 -12.00 5.51
N THR A 175 12.40 -10.77 5.02
CA THR A 175 12.47 -9.62 5.91
C THR A 175 11.11 -8.95 6.13
N LEU A 176 10.70 -8.80 7.39
CA LEU A 176 9.49 -8.05 7.70
C LEU A 176 9.68 -6.54 7.48
N VAL A 177 8.98 -5.96 6.51
CA VAL A 177 9.19 -4.55 6.18
C VAL A 177 8.07 -3.62 6.64
N PHE A 178 6.92 -4.20 7.01
CA PHE A 178 5.71 -3.40 7.28
C PHE A 178 4.72 -4.23 8.05
N LYS A 179 4.04 -3.58 8.98
CA LYS A 179 3.03 -4.21 9.84
C LYS A 179 1.86 -3.26 9.93
N GLY A 180 0.65 -3.80 9.92
CA GLY A 180 -0.55 -2.97 10.08
C GLY A 180 -1.67 -3.71 10.79
N ASN A 181 -2.42 -3.00 11.61
CA ASN A 181 -3.66 -3.54 12.17
C ASN A 181 -4.80 -2.74 11.55
N PHE A 182 -5.81 -3.42 11.05
CA PHE A 182 -6.89 -2.76 10.32
C PHE A 182 -8.20 -3.11 10.99
N LYS A 183 -9.02 -2.10 11.23
CA LYS A 183 -10.35 -2.29 11.79
C LYS A 183 -11.29 -2.04 10.63
N MET A 184 -11.97 -3.07 10.14
CA MET A 184 -12.70 -2.96 8.89
C MET A 184 -14.20 -2.98 9.12
N PHE A 185 -14.89 -1.92 8.72
CA PHE A 185 -16.34 -1.94 8.82
C PHE A 185 -16.93 -2.82 7.74
N TYR A 186 -17.99 -3.54 8.08
CA TYR A 186 -18.72 -4.28 7.07
C TYR A 186 -20.20 -4.22 7.28
N ASP A 187 -20.90 -4.52 6.19
CA ASP A 187 -22.35 -4.62 6.22
C ASP A 187 -22.73 -5.71 5.24
N LYS A 188 -23.68 -6.55 5.65
CA LYS A 188 -24.17 -7.64 4.80
C LYS A 188 -25.13 -7.19 3.70
N ARG A 189 -25.36 -5.88 3.61
CA ARG A 189 -26.10 -5.28 2.49
C ARG A 189 -25.11 -4.54 1.60
N ILE B 52 -3.50 39.23 -10.95
CA ILE B 52 -4.01 37.88 -10.56
C ILE B 52 -4.60 37.11 -11.74
N PRO B 53 -4.13 35.87 -11.98
CA PRO B 53 -4.74 34.99 -12.99
C PRO B 53 -6.04 34.34 -12.49
N GLU B 54 -6.56 33.39 -13.25
CA GLU B 54 -7.75 32.64 -12.85
C GLU B 54 -7.51 31.84 -11.55
N LEU B 55 -8.60 31.51 -10.86
CA LEU B 55 -8.54 30.84 -9.55
C LEU B 55 -7.68 29.59 -9.53
N ARG B 56 -7.89 28.70 -10.51
CA ARG B 56 -7.12 27.45 -10.61
C ARG B 56 -5.63 27.67 -10.86
N LYS B 57 -5.33 28.67 -11.68
CA LYS B 57 -3.95 29.05 -11.98
C LYS B 57 -3.26 29.54 -10.72
N ARG B 58 -3.89 30.49 -10.03
CA ARG B 58 -3.39 31.05 -8.77
C ARG B 58 -3.02 29.97 -7.74
N ILE B 59 -3.89 28.99 -7.56
CA ILE B 59 -3.63 27.88 -6.63
C ILE B 59 -2.36 27.13 -7.03
N LYS B 60 -2.23 26.82 -8.32
CA LYS B 60 -1.06 26.10 -8.83
C LYS B 60 0.21 26.93 -8.64
N LEU B 61 0.09 28.25 -8.78
CA LEU B 61 1.20 29.18 -8.57
C LEU B 61 1.61 29.31 -7.10
N VAL B 62 0.63 29.30 -6.19
CA VAL B 62 0.91 29.30 -4.75
C VAL B 62 1.58 27.98 -4.38
N ALA B 63 1.05 26.87 -4.90
CA ALA B 63 1.66 25.55 -4.76
C ALA B 63 3.10 25.55 -5.30
N GLU B 64 3.27 26.03 -6.54
CA GLU B 64 4.60 26.15 -7.16
C GLU B 64 5.61 26.90 -6.27
N LYS B 65 5.19 28.06 -5.75
CA LYS B 65 6.02 28.85 -4.84
C LYS B 65 6.22 28.18 -3.47
N ASN B 66 5.26 27.35 -3.06
CA ASN B 66 5.39 26.59 -1.81
C ASN B 66 6.40 25.43 -1.90
N TYR B 67 6.44 24.72 -3.03
CA TYR B 67 7.44 23.66 -3.24
C TYR B 67 8.88 24.19 -3.26
N ASP B 68 9.03 25.52 -3.34
CA ASP B 68 10.33 26.16 -3.29
C ASP B 68 10.87 26.35 -1.87
N GLN B 69 9.99 26.24 -0.88
CA GLN B 69 10.41 26.41 0.52
C GLN B 69 10.50 25.08 1.25
N ILE B 70 10.09 24.00 0.59
CA ILE B 70 10.25 22.66 1.12
C ILE B 70 11.49 21.98 0.52
N SER B 71 12.04 20.98 1.21
CA SER B 71 13.22 20.28 0.73
C SER B 71 13.14 18.75 0.84
N SER B 72 12.01 18.23 1.31
CA SER B 72 11.92 16.81 1.66
C SER B 72 11.22 15.99 0.57
N ILE B 73 10.55 16.69 -0.34
CA ILE B 73 9.71 16.07 -1.37
C ILE B 73 9.55 17.06 -2.52
N GLU B 74 9.27 16.55 -3.72
CA GLU B 74 9.16 17.38 -4.92
C GLU B 74 7.73 17.38 -5.44
N GLU B 75 7.42 18.38 -6.26
CA GLU B 75 6.06 18.57 -6.81
C GLU B 75 5.47 17.30 -7.42
N GLN B 76 6.25 16.62 -8.25
CA GLN B 76 5.82 15.41 -8.97
C GLN B 76 5.50 14.24 -8.05
N GLU B 77 6.02 14.29 -6.83
CA GLU B 77 5.82 13.19 -5.88
C GLU B 77 4.79 13.54 -4.79
N PHE B 78 4.33 14.79 -4.78
CA PHE B 78 3.39 15.28 -3.76
C PHE B 78 1.97 15.04 -4.23
N ILE B 79 1.14 14.45 -3.35
CA ILE B 79 -0.26 14.16 -3.68
C ILE B 79 -1.11 15.33 -3.21
N GLY B 80 -1.85 15.94 -4.15
CA GLY B 80 -2.58 17.18 -3.91
C GLY B 80 -1.81 18.42 -4.28
N ASP B 81 -2.40 19.59 -4.00
CA ASP B 81 -1.74 20.87 -4.17
C ASP B 81 -1.40 21.50 -2.82
N LEU B 82 -0.13 21.82 -2.63
CA LEU B 82 0.35 22.42 -1.38
C LEU B 82 -0.04 23.90 -1.33
N ILE B 83 -1.09 24.22 -0.57
CA ILE B 83 -1.66 25.57 -0.54
C ILE B 83 -1.15 26.43 0.62
N GLN B 84 -0.54 25.79 1.61
CA GLN B 84 0.11 26.50 2.70
C GLN B 84 1.23 25.63 3.23
N VAL B 85 2.37 26.25 3.48
CA VAL B 85 3.45 25.56 4.18
C VAL B 85 4.17 26.54 5.10
N ASN B 86 4.23 26.17 6.38
CA ASN B 86 4.99 26.87 7.40
C ASN B 86 5.95 25.78 7.92
N PRO B 87 7.20 25.79 7.43
CA PRO B 87 8.06 24.64 7.69
C PRO B 87 8.18 24.28 9.18
N ASN B 88 8.05 22.99 9.47
CA ASN B 88 8.15 22.45 10.83
C ASN B 88 7.01 22.88 11.76
N VAL B 89 5.96 23.50 11.20
CA VAL B 89 4.83 23.99 12.00
C VAL B 89 3.49 23.49 11.46
N LYS B 90 3.13 23.89 10.26
CA LYS B 90 1.81 23.57 9.72
C LYS B 90 1.86 23.61 8.21
N ALA B 91 1.12 22.71 7.58
CA ALA B 91 0.94 22.80 6.14
C ALA B 91 -0.47 22.39 5.78
N GLN B 92 -0.95 22.89 4.66
CA GLN B 92 -2.25 22.44 4.13
C GLN B 92 -2.16 22.08 2.66
N SER B 93 -3.02 21.16 2.25
CA SER B 93 -3.11 20.76 0.85
C SER B 93 -4.56 20.50 0.51
N ILE B 94 -4.88 20.63 -0.78
CA ILE B 94 -6.18 20.26 -1.27
C ILE B 94 -6.06 19.20 -2.35
N LEU B 95 -7.07 18.34 -2.47
CA LEU B 95 -7.03 17.27 -3.44
C LEU B 95 -8.42 17.10 -4.02
N ASP B 96 -8.53 17.26 -5.33
CA ASP B 96 -9.76 16.93 -6.05
C ASP B 96 -9.88 15.43 -6.17
N ILE B 97 -11.04 14.90 -5.79
CA ILE B 97 -11.30 13.46 -5.87
C ILE B 97 -12.00 13.12 -7.19
N THR B 98 -11.23 12.56 -8.13
CA THR B 98 -11.77 12.28 -9.46
C THR B 98 -12.07 10.77 -9.49
N SER B 99 -12.56 10.29 -10.64
CA SER B 99 -12.93 8.87 -10.77
C SER B 99 -11.73 7.94 -10.62
N ASP B 100 -10.52 8.50 -10.81
CA ASP B 100 -9.28 7.72 -10.61
C ASP B 100 -9.06 7.36 -9.15
N SER B 101 -9.71 8.09 -8.25
CA SER B 101 -9.47 7.93 -6.82
C SER B 101 -10.62 7.25 -6.06
N VAL B 102 -11.61 6.73 -6.77
CA VAL B 102 -12.78 6.12 -6.11
C VAL B 102 -13.04 4.68 -6.54
N PHE B 103 -13.74 3.94 -5.66
CA PHE B 103 -14.49 2.76 -6.08
C PHE B 103 -15.59 3.17 -7.06
N HIS B 104 -15.53 2.62 -8.28
CA HIS B 104 -16.42 3.08 -9.36
C HIS B 104 -17.89 2.74 -9.09
N LYS B 105 -18.16 1.62 -8.42
CA LYS B 105 -19.54 1.23 -8.10
C LYS B 105 -20.22 2.18 -7.10
N THR B 106 -19.47 2.68 -6.12
CA THR B 106 -20.06 3.46 -5.02
C THR B 106 -19.67 4.93 -5.02
N GLY B 107 -18.58 5.25 -5.70
CA GLY B 107 -18.07 6.61 -5.75
C GLY B 107 -17.32 6.96 -4.49
N ILE B 108 -17.00 5.96 -3.66
CA ILE B 108 -16.29 6.23 -2.40
C ILE B 108 -14.79 6.26 -2.64
N ALA B 109 -14.11 7.28 -2.11
CA ALA B 109 -12.67 7.41 -2.26
C ALA B 109 -11.92 6.29 -1.58
N ARG B 110 -10.91 5.79 -2.29
CA ARG B 110 -10.03 4.75 -1.77
C ARG B 110 -9.26 5.27 -0.57
N GLY B 111 -9.17 4.45 0.49
CA GLY B 111 -8.46 4.90 1.67
C GLY B 111 -7.00 5.27 1.45
N HIS B 112 -6.33 4.57 0.53
CA HIS B 112 -4.93 4.92 0.26
C HIS B 112 -4.77 6.27 -0.40
N VAL B 113 -5.80 6.77 -1.07
CA VAL B 113 -5.72 8.14 -1.63
C VAL B 113 -5.71 9.20 -0.52
N LEU B 114 -6.63 9.08 0.44
CA LEU B 114 -6.71 10.02 1.56
C LEU B 114 -5.41 9.89 2.38
N PHE B 115 -4.94 8.66 2.56
CA PHE B 115 -3.70 8.44 3.27
C PHE B 115 -2.55 9.06 2.50
N ALA B 116 -2.50 8.85 1.17
CA ALA B 116 -1.41 9.48 0.37
C ALA B 116 -1.33 11.01 0.52
N GLN B 117 -2.50 11.66 0.52
CA GLN B 117 -2.53 13.11 0.72
C GLN B 117 -1.90 13.47 2.08
N ALA B 118 -2.38 12.81 3.13
CA ALA B 118 -1.98 13.11 4.50
C ALA B 118 -0.51 12.82 4.66
N ASN B 119 -0.05 11.70 4.10
CA ASN B 119 1.34 11.26 4.24
C ASN B 119 2.32 12.23 3.54
N SER B 120 2.04 12.56 2.27
CA SER B 120 2.85 13.57 1.52
C SER B 120 2.92 14.90 2.23
N LEU B 121 1.77 15.31 2.79
CA LEU B 121 1.69 16.59 3.49
C LEU B 121 2.64 16.59 4.69
N CYS B 122 2.67 15.50 5.46
CA CYS B 122 3.59 15.40 6.61
C CYS B 122 5.05 15.46 6.20
N VAL B 123 5.40 14.79 5.11
CA VAL B 123 6.75 14.84 4.57
C VAL B 123 7.13 16.28 4.23
N ALA B 124 6.27 16.93 3.46
CA ALA B 124 6.53 18.28 2.94
C ALA B 124 6.71 19.29 4.07
N LEU B 125 5.99 19.07 5.17
CA LEU B 125 6.01 19.90 6.36
C LEU B 125 7.37 20.01 7.03
N ILE B 126 8.11 18.90 7.04
CA ILE B 126 9.36 18.82 7.79
C ILE B 126 10.56 19.23 6.95
N LYS B 127 11.25 20.27 7.42
CA LYS B 127 12.38 20.88 6.74
C LYS B 127 13.66 20.15 7.15
N GLN B 128 13.82 18.95 6.60
CA GLN B 128 14.99 18.13 6.79
C GLN B 128 15.30 17.41 5.47
N PRO B 129 16.59 17.11 5.22
CA PRO B 129 16.97 16.35 4.02
C PRO B 129 16.26 15.00 3.94
N THR B 130 16.38 14.19 5.00
CA THR B 130 15.75 12.88 5.05
C THR B 130 14.55 12.88 5.98
N VAL B 131 13.40 12.48 5.46
CA VAL B 131 12.15 12.41 6.21
C VAL B 131 11.45 11.16 5.75
N LEU B 132 11.18 10.24 6.67
CA LEU B 132 10.47 9.01 6.32
C LEU B 132 9.35 8.69 7.31
N THR B 133 8.19 8.26 6.81
CA THR B 133 7.12 7.89 7.72
C THR B 133 7.54 6.62 8.48
N HIS B 134 7.49 6.71 9.81
CA HIS B 134 7.87 5.55 10.63
C HIS B 134 6.62 4.81 11.11
N GLU B 135 5.65 5.56 11.63
CA GLU B 135 4.42 4.98 12.11
C GLU B 135 3.26 5.89 11.77
N SER B 136 2.07 5.32 11.60
CA SER B 136 0.89 6.15 11.44
C SER B 136 -0.36 5.43 11.97
N SER B 137 -1.26 6.21 12.56
CA SER B 137 -2.50 5.71 13.08
C SER B 137 -3.59 6.64 12.56
N ILE B 138 -4.53 6.06 11.82
CA ILE B 138 -5.49 6.85 11.06
C ILE B 138 -6.93 6.38 11.26
N GLN B 139 -7.88 7.29 11.02
CA GLN B 139 -9.28 6.98 11.17
C GLN B 139 -10.05 7.58 9.99
N PHE B 140 -10.88 6.76 9.37
CA PHE B 140 -11.73 7.19 8.28
C PHE B 140 -13.11 7.46 8.88
N ILE B 141 -13.43 8.74 9.05
CA ILE B 141 -14.57 9.16 9.87
C ILE B 141 -15.84 9.27 9.01
N GLU B 142 -15.68 9.78 7.78
CA GLU B 142 -16.78 9.90 6.85
C GLU B 142 -16.33 9.45 5.47
N LYS B 143 -17.25 8.88 4.71
CA LYS B 143 -16.97 8.55 3.30
C LYS B 143 -16.71 9.82 2.52
N VAL B 144 -15.55 9.87 1.87
CA VAL B 144 -15.26 10.88 0.87
C VAL B 144 -15.79 10.37 -0.49
N LYS B 145 -16.43 11.25 -1.27
CA LYS B 145 -17.10 10.87 -2.51
C LYS B 145 -16.48 11.52 -3.75
N LEU B 146 -16.72 10.89 -4.91
CA LEU B 146 -16.42 11.50 -6.21
C LEU B 146 -16.80 12.97 -6.28
N ASN B 147 -15.85 13.80 -6.71
CA ASN B 147 -16.04 15.27 -6.93
C ASN B 147 -15.90 16.10 -5.67
N ASP B 148 -15.66 15.45 -4.53
CA ASP B 148 -15.31 16.16 -3.29
C ASP B 148 -13.91 16.75 -3.44
N THR B 149 -13.69 17.88 -2.77
CA THR B 149 -12.32 18.37 -2.55
C THR B 149 -11.95 18.18 -1.08
N VAL B 150 -10.87 17.46 -0.84
CA VAL B 150 -10.43 17.19 0.52
C VAL B 150 -9.33 18.18 0.88
N ARG B 151 -9.53 18.90 1.98
CA ARG B 151 -8.48 19.79 2.47
C ARG B 151 -7.83 19.13 3.67
N ALA B 152 -6.54 18.86 3.56
CA ALA B 152 -5.79 18.19 4.64
C ALA B 152 -4.96 19.26 5.38
N GLU B 153 -4.92 19.18 6.70
CA GLU B 153 -4.14 20.13 7.52
C GLU B 153 -3.23 19.30 8.39
N ALA B 154 -1.94 19.61 8.37
CA ALA B 154 -0.97 18.88 9.16
C ALA B 154 -0.38 19.83 10.19
N ARG B 155 -0.30 19.39 11.43
CA ARG B 155 0.28 20.20 12.50
C ARG B 155 1.28 19.40 13.31
N VAL B 156 2.47 19.96 13.48
CA VAL B 156 3.49 19.34 14.34
C VAL B 156 3.05 19.51 15.78
N VAL B 157 3.00 18.41 16.53
CA VAL B 157 2.57 18.49 17.92
C VAL B 157 3.71 18.17 18.90
N ASN B 158 4.71 17.43 18.42
CA ASN B 158 5.84 17.04 19.26
C ASN B 158 7.08 16.78 18.41
N GLN B 159 8.25 16.84 19.02
CA GLN B 159 9.50 16.60 18.32
C GLN B 159 10.58 16.05 19.24
N THR B 160 11.20 14.96 18.81
CA THR B 160 12.33 14.37 19.52
C THR B 160 13.58 14.52 18.65
N ALA B 161 14.71 14.04 19.14
CA ALA B 161 15.94 13.95 18.34
C ALA B 161 15.76 13.18 17.01
N LYS B 162 14.84 12.21 17.00
CA LYS B 162 14.70 11.29 15.86
C LYS B 162 13.40 11.38 15.07
N HIS B 163 12.36 11.94 15.69
CA HIS B 163 11.03 12.00 15.06
C HIS B 163 10.31 13.34 15.21
N TYR B 164 9.47 13.67 14.22
CA TYR B 164 8.43 14.68 14.38
C TYR B 164 7.11 13.95 14.54
N TYR B 165 6.27 14.41 15.46
CA TYR B 165 4.93 13.86 15.62
C TYR B 165 3.95 14.86 15.06
N VAL B 166 3.17 14.40 14.09
CA VAL B 166 2.36 15.31 13.32
C VAL B 166 0.92 14.84 13.41
N GLU B 167 0.00 15.77 13.59
CA GLU B 167 -1.43 15.44 13.53
C GLU B 167 -2.08 15.97 12.27
N VAL B 168 -2.77 15.08 11.56
CA VAL B 168 -3.49 15.44 10.35
C VAL B 168 -5.01 15.39 10.56
N LYS B 169 -5.69 16.44 10.11
CA LYS B 169 -7.14 16.46 10.00
C LYS B 169 -7.50 16.84 8.57
N SER B 170 -8.35 16.03 7.94
CA SER B 170 -8.80 16.31 6.59
C SER B 170 -10.27 16.58 6.54
N TYR B 171 -10.64 17.55 5.70
CA TYR B 171 -11.99 18.06 5.63
C TYR B 171 -12.58 18.04 4.21
N VAL B 172 -13.89 17.86 4.14
CA VAL B 172 -14.65 18.18 2.94
C VAL B 172 -15.63 19.28 3.33
N LYS B 173 -15.37 20.48 2.81
CA LYS B 173 -16.08 21.69 3.26
C LYS B 173 -15.88 21.84 4.76
N HIS B 174 -16.94 21.78 5.57
CA HIS B 174 -16.75 21.90 7.03
C HIS B 174 -16.72 20.56 7.80
N THR B 175 -16.85 19.44 7.09
CA THR B 175 -16.98 18.14 7.74
C THR B 175 -15.61 17.47 7.88
N LEU B 176 -15.29 17.08 9.13
CA LEU B 176 -14.09 16.30 9.41
C LEU B 176 -14.29 14.90 8.83
N VAL B 177 -13.44 14.49 7.88
CA VAL B 177 -13.63 13.19 7.21
C VAL B 177 -12.54 12.18 7.55
N PHE B 178 -11.39 12.68 7.98
CA PHE B 178 -10.22 11.81 8.18
C PHE B 178 -9.33 12.45 9.23
N LYS B 179 -8.68 11.62 10.04
CA LYS B 179 -7.75 12.06 11.07
C LYS B 179 -6.59 11.06 11.12
N GLY B 180 -5.38 11.57 11.33
CA GLY B 180 -4.23 10.69 11.49
C GLY B 180 -3.12 11.28 12.35
N ASN B 181 -2.42 10.41 13.09
CA ASN B 181 -1.20 10.77 13.81
C ASN B 181 -0.08 10.12 13.05
N PHE B 182 0.96 10.89 12.76
CA PHE B 182 2.07 10.40 11.95
C PHE B 182 3.34 10.62 12.74
N LYS B 183 4.13 9.57 12.85
CA LYS B 183 5.42 9.60 13.51
C LYS B 183 6.46 9.61 12.38
N MET B 184 7.10 10.76 12.18
CA MET B 184 8.00 10.96 11.04
C MET B 184 9.48 10.95 11.44
N PHE B 185 10.20 9.90 11.04
CA PHE B 185 11.65 9.86 11.21
C PHE B 185 12.30 10.98 10.43
N TYR B 186 13.33 11.59 10.99
CA TYR B 186 14.10 12.50 10.19
C TYR B 186 15.58 12.34 10.44
N ASP B 187 16.37 12.81 9.47
CA ASP B 187 17.81 12.82 9.57
C ASP B 187 18.38 14.00 8.81
N LYS B 188 19.51 14.52 9.29
CA LYS B 188 20.10 15.72 8.72
C LYS B 188 21.16 15.38 7.68
N ARG B 189 21.44 14.09 7.52
CA ARG B 189 22.72 13.65 6.95
C ARG B 189 22.49 12.79 5.71
#